data_5JSX
#
_entry.id   5JSX
#
_cell.length_a   98.780
_cell.length_b   98.780
_cell.length_c   127.920
_cell.angle_alpha   90.00
_cell.angle_beta   90.00
_cell.angle_gamma   90.00
#
_symmetry.space_group_name_H-M   'I 41'
#
loop_
_entity.id
_entity.type
_entity.pdbx_description
1 polymer 'glucosyl-3-phosphoglycerate synthase'
2 non-polymer 'MANGANESE (II) ION'
3 non-polymer "URIDINE-5'-DIPHOSPHATE-GLUCOSE"
4 non-polymer GLYCEROL
5 water water
#
_entity_poly.entity_id   1
_entity_poly.type   'polypeptide(L)'
_entity_poly.pdbx_seq_one_letter_code
;GSGAMTASELVAGDLAGGRAPGALPLDTTWHRPGWTIGELEAAKAGRTISVVLPALNEEATIESVIDSISPLVDGLVDEL
IVLDSGSTDDTEIRAIASGARVVSREQALPEVPVRPGKGEALWRSLAATSGDIVVFIDSDLINPHPLFVPWLVGPLLTGE
GIQLVKSFYRRPLQVSDVTSGVCATGGGRVTELVARPLLAALRPELGCVLQPLSGEYAASRELLTSLPFAPGYGVEIGLL
IDTFDRLGLDAIAQVNLGVRAHRNRPLDELGAMSRQVIATLLSRCGIPDSGVGLTQFLPGGPDDSDYTRHTWPVSLVDRP
PMKVMRPR
;
_entity_poly.pdbx_strand_id   A
#
# COMPACT_ATOMS: atom_id res chain seq x y z
N ALA A 23 10.08 -22.69 -4.16
CA ALA A 23 10.32 -23.43 -2.92
C ALA A 23 9.45 -22.88 -1.78
N LEU A 24 8.74 -21.77 -2.04
CA LEU A 24 7.80 -21.24 -1.05
C LEU A 24 6.38 -21.53 -1.54
N PRO A 25 5.41 -21.59 -0.61
CA PRO A 25 4.03 -21.82 -1.07
C PRO A 25 3.39 -20.58 -1.78
N LEU A 26 4.21 -19.55 -2.01
CA LEU A 26 3.80 -18.26 -2.54
C LEU A 26 4.67 -18.01 -3.75
N ASP A 27 4.05 -17.66 -4.87
CA ASP A 27 4.83 -17.41 -6.07
C ASP A 27 5.79 -16.23 -5.85
N THR A 28 7.07 -16.57 -5.84
CA THR A 28 8.09 -15.63 -5.47
C THR A 28 9.19 -15.43 -6.47
N THR A 29 9.30 -14.23 -7.01
CA THR A 29 10.43 -13.90 -7.88
C THR A 29 11.59 -13.37 -7.07
N TRP A 30 12.66 -14.14 -6.96
CA TRP A 30 13.80 -13.77 -6.10
C TRP A 30 14.83 -12.88 -6.75
N HIS A 31 15.18 -13.14 -7.99
CA HIS A 31 16.22 -12.33 -8.63
C HIS A 31 15.49 -11.35 -9.49
N ARG A 32 16.19 -10.28 -9.84
CA ARG A 32 15.64 -9.27 -10.72
C ARG A 32 14.83 -9.93 -11.84
N PRO A 33 13.49 -9.78 -11.84
CA PRO A 33 12.62 -10.40 -12.85
C PRO A 33 13.08 -10.12 -14.29
N GLY A 34 12.84 -11.07 -15.17
CA GLY A 34 13.39 -11.02 -16.51
C GLY A 34 12.66 -10.11 -17.46
N TRP A 35 11.37 -9.95 -17.29
CA TRP A 35 10.58 -9.21 -18.27
C TRP A 35 11.15 -7.79 -18.54
N THR A 36 10.95 -7.29 -19.76
CA THR A 36 11.27 -5.92 -20.18
C THR A 36 10.01 -5.06 -20.31
N ILE A 37 10.18 -3.75 -20.44
CA ILE A 37 9.04 -2.84 -20.52
C ILE A 37 8.18 -3.11 -21.74
N GLY A 38 8.87 -3.49 -22.82
CA GLY A 38 8.19 -3.78 -24.07
C GLY A 38 7.36 -5.03 -24.00
N GLU A 39 7.91 -6.10 -23.43
CA GLU A 39 7.16 -7.34 -23.30
C GLU A 39 5.89 -7.15 -22.48
N LEU A 40 6.10 -6.47 -21.35
CA LEU A 40 5.03 -6.14 -20.43
C LEU A 40 4.01 -5.22 -21.09
N GLU A 41 4.51 -4.28 -21.88
CA GLU A 41 3.60 -3.38 -22.54
C GLU A 41 2.78 -4.15 -23.56
N ALA A 42 3.41 -5.13 -24.22
CA ALA A 42 2.69 -5.95 -25.18
C ALA A 42 1.61 -6.77 -24.47
N ALA A 43 1.99 -7.32 -23.30
CA ALA A 43 1.13 -8.24 -22.52
C ALA A 43 -0.09 -7.55 -21.88
N LYS A 44 -0.16 -6.22 -21.98
CA LYS A 44 -1.27 -5.51 -21.37
C LYS A 44 -2.58 -5.99 -21.96
N ALA A 45 -2.61 -6.09 -23.28
CA ALA A 45 -3.76 -6.61 -24.00
C ALA A 45 -5.08 -5.94 -23.62
N GLY A 46 -5.15 -4.61 -23.73
CA GLY A 46 -6.40 -3.89 -23.49
C GLY A 46 -6.62 -3.42 -22.06
N ARG A 47 -5.94 -4.08 -21.12
CA ARG A 47 -5.99 -3.76 -19.68
C ARG A 47 -5.23 -2.46 -19.38
N THR A 48 -5.78 -1.61 -18.50
CA THR A 48 -5.09 -0.37 -18.14
C THR A 48 -4.44 -0.44 -16.77
N ILE A 49 -3.45 0.44 -16.57
CA ILE A 49 -2.65 0.49 -15.33
C ILE A 49 -2.63 1.90 -14.72
N SER A 50 -3.08 1.98 -13.47
CA SER A 50 -3.03 3.21 -12.71
C SER A 50 -1.98 3.10 -11.58
N VAL A 51 -1.21 4.18 -11.41
CA VAL A 51 -0.26 4.29 -10.31
C VAL A 51 -0.69 5.40 -9.36
N VAL A 52 -0.62 5.07 -8.08
CA VAL A 52 -1.02 5.98 -7.03
C VAL A 52 0.11 6.11 -6.02
N LEU A 53 0.46 7.36 -5.75
CA LEU A 53 1.44 7.73 -4.73
C LEU A 53 0.69 8.47 -3.64
N PRO A 54 0.41 7.80 -2.51
CA PRO A 54 -0.21 8.54 -1.41
C PRO A 54 0.80 9.43 -0.71
N ALA A 55 0.38 10.62 -0.35
CA ALA A 55 1.39 11.52 0.23
C ALA A 55 0.82 12.36 1.33
N LEU A 56 1.45 12.21 2.48
CA LEU A 56 1.22 13.08 3.60
C LEU A 56 2.58 13.69 4.00
N ASN A 57 2.81 14.95 3.56
CA ASN A 57 4.00 15.76 3.89
C ASN A 57 5.34 15.10 3.48
N GLU A 58 5.55 14.92 2.18
CA GLU A 58 6.73 14.25 1.70
C GLU A 58 7.45 15.14 0.66
N GLU A 59 7.55 16.43 0.93
CA GLU A 59 8.12 17.35 -0.03
C GLU A 59 9.59 16.97 -0.33
N ALA A 60 10.23 16.34 0.63
CA ALA A 60 11.66 16.07 0.45
C ALA A 60 11.94 14.90 -0.50
N THR A 61 10.94 14.06 -0.79
CA THR A 61 11.21 12.83 -1.54
C THR A 61 10.24 12.60 -2.67
N ILE A 62 9.14 13.32 -2.67
CA ILE A 62 8.05 13.05 -3.61
C ILE A 62 8.51 13.22 -5.07
N GLU A 63 9.37 14.22 -5.33
CA GLU A 63 9.81 14.52 -6.69
C GLU A 63 10.61 13.36 -7.24
N SER A 64 11.56 12.84 -6.48
CA SER A 64 12.31 11.72 -6.99
C SER A 64 11.43 10.50 -7.25
N VAL A 65 10.43 10.28 -6.39
CA VAL A 65 9.52 9.13 -6.54
C VAL A 65 8.67 9.30 -7.81
N ILE A 66 8.13 10.50 -8.04
CA ILE A 66 7.40 10.75 -9.28
C ILE A 66 8.34 10.58 -10.50
N ASP A 67 9.54 11.18 -10.44
CA ASP A 67 10.49 11.11 -11.57
C ASP A 67 10.85 9.67 -11.90
N SER A 68 10.88 8.81 -10.91
CA SER A 68 11.28 7.45 -11.19
C SER A 68 10.16 6.71 -11.97
N ILE A 69 8.96 7.27 -12.04
CA ILE A 69 7.82 6.57 -12.62
C ILE A 69 7.24 7.25 -13.88
N SER A 70 7.25 8.59 -13.92
CA SER A 70 6.57 9.34 -15.00
C SER A 70 7.03 9.03 -16.46
N PRO A 71 8.28 8.56 -16.64
CA PRO A 71 8.64 8.18 -18.01
C PRO A 71 7.84 6.97 -18.59
N LEU A 72 7.11 6.20 -17.74
CA LEU A 72 6.31 5.02 -18.16
C LEU A 72 4.91 5.44 -18.61
N VAL A 73 4.57 6.67 -18.27
CA VAL A 73 3.25 7.24 -18.55
C VAL A 73 3.11 7.35 -20.08
N ASP A 74 1.89 7.07 -20.54
CA ASP A 74 1.47 6.96 -21.95
C ASP A 74 2.04 5.72 -22.63
N GLY A 75 2.80 4.96 -21.87
CA GLY A 75 3.29 3.67 -22.30
C GLY A 75 2.65 2.55 -21.47
N LEU A 76 3.49 1.95 -20.62
CA LEU A 76 3.09 0.89 -19.70
C LEU A 76 2.02 1.37 -18.70
N VAL A 77 2.22 2.58 -18.21
CA VAL A 77 1.32 3.23 -17.27
C VAL A 77 0.40 4.17 -18.05
N ASP A 78 -0.90 4.10 -17.80
CA ASP A 78 -1.82 4.99 -18.51
C ASP A 78 -2.18 6.21 -17.65
N GLU A 79 -1.86 6.13 -16.37
CA GLU A 79 -2.33 7.12 -15.41
C GLU A 79 -1.46 7.10 -14.15
N LEU A 80 -1.08 8.30 -13.72
CA LEU A 80 -0.33 8.44 -12.50
C LEU A 80 -0.90 9.58 -11.69
N ILE A 81 -1.21 9.31 -10.43
CA ILE A 81 -1.64 10.36 -9.55
C ILE A 81 -0.93 10.35 -8.20
N VAL A 82 -0.87 11.54 -7.64
CA VAL A 82 -0.53 11.70 -6.25
C VAL A 82 -1.82 11.91 -5.51
N LEU A 83 -2.04 11.04 -4.53
CA LEU A 83 -3.16 11.17 -3.65
C LEU A 83 -2.72 12.00 -2.42
N ASP A 84 -2.99 13.31 -2.46
CA ASP A 84 -2.58 14.17 -1.36
C ASP A 84 -3.53 13.98 -0.18
N SER A 85 -3.00 13.45 0.91
CA SER A 85 -3.77 13.08 2.09
C SER A 85 -3.70 14.24 3.17
N GLY A 86 -3.81 15.48 2.69
CA GLY A 86 -3.86 16.66 3.57
C GLY A 86 -2.50 17.27 3.89
N SER A 87 -1.59 17.24 2.93
CA SER A 87 -0.29 17.82 3.18
C SER A 87 -0.41 19.33 3.39
N THR A 88 0.35 19.86 4.36
CA THR A 88 0.39 21.31 4.60
C THR A 88 1.76 21.90 4.24
N ASP A 89 2.68 21.03 3.79
CA ASP A 89 3.97 21.49 3.33
C ASP A 89 3.89 21.70 1.80
N ASP A 90 5.01 21.68 1.10
CA ASP A 90 4.99 21.97 -0.33
C ASP A 90 4.93 20.71 -1.20
N THR A 91 4.29 19.65 -0.70
CA THR A 91 4.19 18.40 -1.44
C THR A 91 3.45 18.61 -2.78
N GLU A 92 2.29 19.24 -2.71
CA GLU A 92 1.45 19.39 -3.90
C GLU A 92 2.16 20.21 -5.00
N ILE A 93 2.72 21.36 -4.66
CA ILE A 93 3.31 22.24 -5.68
C ILE A 93 4.58 21.58 -6.34
N ARG A 94 5.32 20.80 -5.58
CA ARG A 94 6.48 20.10 -6.10
C ARG A 94 6.03 18.95 -6.98
N ALA A 95 4.98 18.25 -6.53
CA ALA A 95 4.45 17.15 -7.33
C ALA A 95 3.93 17.69 -8.67
N ILE A 96 3.20 18.79 -8.60
CA ILE A 96 2.74 19.41 -9.83
C ILE A 96 3.89 19.80 -10.72
N ALA A 97 4.92 20.43 -10.11
CA ALA A 97 6.12 20.87 -10.83
C ALA A 97 6.87 19.68 -11.42
N SER A 98 6.59 18.49 -10.93
CA SER A 98 7.16 17.25 -11.51
C SER A 98 6.20 16.66 -12.57
N GLY A 99 5.10 17.34 -12.85
CA GLY A 99 4.24 16.92 -13.93
C GLY A 99 3.12 15.94 -13.56
N ALA A 100 2.96 15.73 -12.26
CA ALA A 100 2.03 14.78 -11.72
C ALA A 100 0.68 15.42 -11.49
N ARG A 101 -0.36 14.61 -11.73
CA ARG A 101 -1.71 14.97 -11.37
C ARG A 101 -1.90 14.75 -9.89
N VAL A 102 -2.28 15.81 -9.19
CA VAL A 102 -2.50 15.75 -7.75
C VAL A 102 -3.98 15.77 -7.35
N VAL A 103 -4.39 14.74 -6.63
CA VAL A 103 -5.78 14.58 -6.23
C VAL A 103 -5.93 14.57 -4.72
N SER A 104 -6.70 15.52 -4.20
CA SER A 104 -6.98 15.53 -2.78
C SER A 104 -7.97 14.41 -2.42
N ARG A 105 -8.06 14.10 -1.14
CA ARG A 105 -8.99 13.11 -0.70
C ARG A 105 -10.41 13.62 -1.04
N GLU A 106 -10.61 14.93 -0.86
CA GLU A 106 -11.86 15.61 -1.20
C GLU A 106 -12.20 15.40 -2.70
N GLN A 107 -11.30 15.77 -3.60
CA GLN A 107 -11.56 15.63 -5.02
C GLN A 107 -11.85 14.22 -5.48
N ALA A 108 -11.25 13.24 -4.83
CA ALA A 108 -11.38 11.85 -5.28
C ALA A 108 -12.80 11.29 -5.07
N LEU A 109 -13.46 11.75 -4.03
CA LEU A 109 -14.76 11.26 -3.70
C LEU A 109 -15.41 12.33 -2.86
N PRO A 110 -15.88 13.38 -3.54
CA PRO A 110 -16.39 14.58 -2.88
C PRO A 110 -17.66 14.37 -2.12
N GLU A 111 -18.41 13.30 -2.44
CA GLU A 111 -19.71 13.08 -1.80
C GLU A 111 -19.62 12.59 -0.36
N VAL A 112 -18.42 12.13 0.01
CA VAL A 112 -18.16 11.55 1.32
C VAL A 112 -17.12 12.32 2.11
N PRO A 113 -17.50 12.79 3.31
CA PRO A 113 -16.52 13.46 4.18
C PRO A 113 -15.30 12.61 4.42
N VAL A 114 -14.15 13.26 4.63
CA VAL A 114 -12.83 12.64 4.72
C VAL A 114 -12.49 12.17 6.13
N ARG A 115 -11.98 10.96 6.25
CA ARG A 115 -11.43 10.46 7.50
C ARG A 115 -9.93 10.47 7.38
N PRO A 116 -9.24 10.56 8.53
CA PRO A 116 -7.79 10.53 8.50
C PRO A 116 -7.28 9.10 8.32
N GLY A 117 -6.02 8.99 7.88
CA GLY A 117 -5.32 7.72 7.76
C GLY A 117 -4.99 7.46 6.31
N LYS A 118 -3.97 6.63 6.11
CA LYS A 118 -3.49 6.20 4.78
C LYS A 118 -4.55 5.37 4.09
N GLY A 119 -5.15 4.47 4.90
CA GLY A 119 -6.18 3.58 4.41
C GLY A 119 -7.26 4.35 3.66
N GLU A 120 -7.69 5.46 4.26
CA GLU A 120 -8.67 6.30 3.61
C GLU A 120 -8.22 6.74 2.25
N ALA A 121 -6.96 7.16 2.15
CA ALA A 121 -6.40 7.69 0.92
C ALA A 121 -6.35 6.66 -0.14
N LEU A 122 -5.95 5.46 0.26
CA LEU A 122 -5.90 4.38 -0.72
C LEU A 122 -7.31 3.99 -1.17
N TRP A 123 -8.25 4.00 -0.24
CA TRP A 123 -9.59 3.67 -0.61
C TRP A 123 -10.07 4.70 -1.60
N ARG A 124 -9.88 5.97 -1.27
CA ARG A 124 -10.31 7.04 -2.18
C ARG A 124 -9.61 7.03 -3.53
N SER A 125 -8.37 6.55 -3.59
CA SER A 125 -7.68 6.59 -4.87
C SER A 125 -8.37 5.69 -5.89
N LEU A 126 -9.20 4.74 -5.41
CA LEU A 126 -9.92 3.85 -6.32
C LEU A 126 -10.97 4.61 -7.13
N ALA A 127 -11.52 5.70 -6.59
CA ALA A 127 -12.49 6.46 -7.36
C ALA A 127 -11.81 7.51 -8.29
N ALA A 128 -10.55 7.79 -8.05
CA ALA A 128 -9.85 8.80 -8.84
C ALA A 128 -9.00 8.16 -9.96
N THR A 129 -9.05 6.83 -10.00
CA THR A 129 -8.31 6.09 -10.99
C THR A 129 -9.30 5.20 -11.71
N SER A 130 -8.90 4.74 -12.89
CA SER A 130 -9.74 3.94 -13.75
C SER A 130 -9.01 2.75 -14.36
N GLY A 131 -7.82 2.44 -13.84
CA GLY A 131 -7.02 1.34 -14.34
C GLY A 131 -7.50 -0.05 -13.93
N ASP A 132 -7.45 -1.03 -14.84
CA ASP A 132 -7.84 -2.40 -14.50
C ASP A 132 -6.88 -2.94 -13.42
N ILE A 133 -5.66 -2.40 -13.45
CA ILE A 133 -4.66 -2.68 -12.43
C ILE A 133 -4.21 -1.40 -11.72
N VAL A 134 -4.20 -1.47 -10.40
CA VAL A 134 -3.80 -0.36 -9.57
C VAL A 134 -2.49 -0.71 -8.86
N VAL A 135 -1.55 0.22 -8.96
CA VAL A 135 -0.26 0.10 -8.32
C VAL A 135 -0.07 1.16 -7.24
N PHE A 136 0.40 0.71 -6.08
CA PHE A 136 0.71 1.61 -4.98
C PHE A 136 2.20 1.69 -4.75
N ILE A 137 2.66 2.91 -4.50
CA ILE A 137 4.06 3.17 -4.17
C ILE A 137 4.12 4.25 -3.07
N ASP A 138 4.82 3.98 -1.96
CA ASP A 138 4.96 4.99 -0.93
C ASP A 138 5.79 6.15 -1.50
N SER A 139 5.50 7.36 -1.07
CA SER A 139 6.14 8.53 -1.64
C SER A 139 7.27 9.00 -0.71
N ASP A 140 7.61 8.23 0.35
CA ASP A 140 8.72 8.64 1.27
C ASP A 140 9.99 7.82 0.97
N LEU A 141 9.97 7.10 -0.15
CA LEU A 141 11.08 6.24 -0.53
C LEU A 141 12.25 7.14 -0.99
N ILE A 142 13.45 6.79 -0.54
CA ILE A 142 14.60 7.56 -0.94
C ILE A 142 15.25 6.92 -2.20
N ASN A 143 15.18 7.59 -3.35
CA ASN A 143 15.73 7.03 -4.59
C ASN A 143 15.23 5.63 -4.89
N PRO A 144 13.99 5.58 -5.35
CA PRO A 144 13.36 4.33 -5.77
C PRO A 144 13.84 3.94 -7.15
N HIS A 145 13.89 2.64 -7.44
CA HIS A 145 14.36 2.16 -8.71
C HIS A 145 13.21 2.34 -9.72
N PRO A 146 13.52 2.83 -10.93
CA PRO A 146 12.50 3.08 -11.96
C PRO A 146 11.83 1.82 -12.50
N LEU A 147 12.27 0.66 -12.03
CA LEU A 147 11.68 -0.60 -12.43
C LEU A 147 10.78 -1.17 -11.37
N PHE A 148 10.47 -0.39 -10.35
CA PHE A 148 9.56 -0.87 -9.30
C PHE A 148 8.20 -1.30 -9.88
N VAL A 149 7.59 -0.41 -10.65
CA VAL A 149 6.26 -0.69 -11.18
C VAL A 149 6.27 -1.93 -12.11
N PRO A 150 7.18 -1.96 -13.10
CA PRO A 150 7.20 -3.18 -13.92
C PRO A 150 7.41 -4.47 -13.16
N TRP A 151 8.31 -4.40 -12.18
CA TRP A 151 8.61 -5.56 -11.41
C TRP A 151 7.40 -5.97 -10.62
N LEU A 152 6.54 -5.00 -10.31
CA LEU A 152 5.39 -5.29 -9.48
C LEU A 152 4.22 -5.80 -10.32
N VAL A 153 4.08 -5.29 -11.55
CA VAL A 153 2.98 -5.74 -12.41
C VAL A 153 3.33 -7.01 -13.23
N GLY A 154 4.60 -7.43 -13.12
CA GLY A 154 5.08 -8.61 -13.84
C GLY A 154 4.14 -9.79 -13.65
N PRO A 155 3.96 -10.28 -12.42
CA PRO A 155 3.12 -11.47 -12.22
C PRO A 155 1.63 -11.32 -12.60
N LEU A 156 1.11 -10.10 -12.56
CA LEU A 156 -0.27 -9.88 -12.96
C LEU A 156 -0.51 -9.97 -14.48
N LEU A 157 0.50 -9.56 -15.24
CA LEU A 157 0.41 -9.44 -16.70
C LEU A 157 0.69 -10.72 -17.47
N THR A 158 1.60 -11.52 -16.92
CA THR A 158 2.12 -12.71 -17.60
C THR A 158 1.46 -13.92 -16.97
N GLY A 159 1.54 -14.05 -15.67
CA GLY A 159 0.91 -15.18 -15.01
C GLY A 159 -0.62 -15.18 -15.14
N GLU A 160 -1.20 -16.25 -14.63
CA GLU A 160 -2.64 -16.36 -14.61
C GLU A 160 -3.01 -16.66 -13.17
N GLY A 161 -4.12 -16.08 -12.73
CA GLY A 161 -4.60 -16.29 -11.37
C GLY A 161 -4.19 -15.25 -10.35
N ILE A 162 -3.07 -14.57 -10.60
CA ILE A 162 -2.54 -13.56 -9.68
C ILE A 162 -3.39 -12.29 -9.69
N GLN A 163 -3.77 -11.82 -8.51
CA GLN A 163 -4.55 -10.57 -8.40
C GLN A 163 -3.99 -9.57 -7.34
N LEU A 164 -2.97 -10.02 -6.60
CA LEU A 164 -2.23 -9.23 -5.65
C LEU A 164 -0.74 -9.55 -5.69
N VAL A 165 0.06 -8.50 -5.78
CA VAL A 165 1.51 -8.61 -5.73
C VAL A 165 2.12 -7.68 -4.63
N LYS A 166 2.77 -8.29 -3.64
CA LYS A 166 3.47 -7.55 -2.60
C LYS A 166 4.98 -7.49 -2.99
N SER A 167 5.69 -6.46 -2.55
CA SER A 167 7.11 -6.39 -2.78
C SER A 167 7.80 -6.91 -1.57
N PHE A 168 9.05 -7.31 -1.74
CA PHE A 168 9.93 -7.53 -0.58
C PHE A 168 11.33 -6.97 -0.87
N TYR A 169 12.13 -6.85 0.18
N TYR A 169 12.14 -6.79 0.17
CA TYR A 169 13.33 -5.98 0.17
CA TYR A 169 13.43 -6.06 0.07
C TYR A 169 14.24 -6.31 1.35
C TYR A 169 14.44 -6.70 1.01
N ARG A 170 15.53 -6.00 1.27
CA ARG A 170 16.43 -6.25 2.41
C ARG A 170 16.49 -4.97 3.23
N GLY A 187 15.03 0.42 10.81
CA GLY A 187 13.71 0.12 10.24
C GLY A 187 13.28 -1.36 10.22
N GLY A 188 12.11 -1.64 9.62
CA GLY A 188 11.50 -2.98 9.60
C GLY A 188 10.98 -3.60 10.91
N ARG A 189 11.02 -2.84 12.00
CA ARG A 189 10.61 -3.25 13.35
C ARG A 189 9.10 -3.71 13.50
N VAL A 190 8.18 -2.95 12.96
CA VAL A 190 6.80 -3.34 13.08
C VAL A 190 6.55 -4.62 12.28
N THR A 191 7.19 -4.72 11.11
CA THR A 191 7.10 -5.89 10.26
C THR A 191 7.68 -7.09 10.99
N GLU A 192 8.90 -6.98 11.49
CA GLU A 192 9.53 -8.15 12.03
C GLU A 192 9.03 -8.51 13.42
N LEU A 193 8.51 -7.56 14.19
CA LEU A 193 8.10 -7.88 15.54
C LEU A 193 6.62 -8.04 15.75
N VAL A 194 5.80 -7.45 14.89
CA VAL A 194 4.38 -7.49 15.09
C VAL A 194 3.70 -8.29 13.98
N ALA A 195 3.77 -7.84 12.75
CA ALA A 195 3.01 -8.46 11.69
C ALA A 195 3.39 -9.91 11.42
N ARG A 196 4.65 -10.20 11.14
CA ARG A 196 5.01 -11.54 10.74
C ARG A 196 4.82 -12.55 11.85
N PRO A 197 5.17 -12.17 13.10
CA PRO A 197 4.88 -13.07 14.21
C PRO A 197 3.36 -13.24 14.42
N LEU A 198 2.54 -12.21 14.23
CA LEU A 198 1.10 -12.39 14.43
C LEU A 198 0.48 -13.27 13.37
N LEU A 199 1.00 -13.10 12.15
CA LEU A 199 0.56 -13.90 11.03
C LEU A 199 1.02 -15.30 11.36
N ALA A 200 2.24 -15.44 11.89
CA ALA A 200 2.62 -16.77 12.27
C ALA A 200 1.62 -17.33 13.28
N ALA A 201 1.13 -16.47 14.18
CA ALA A 201 0.23 -16.96 15.20
C ALA A 201 -1.17 -17.30 14.69
N LEU A 202 -1.72 -16.50 13.80
CA LEU A 202 -3.13 -16.57 13.44
C LEU A 202 -3.41 -16.86 12.01
N ARG A 203 -2.46 -16.66 11.13
CA ARG A 203 -2.62 -17.02 9.73
C ARG A 203 -1.31 -17.56 9.18
N PRO A 204 -0.87 -18.73 9.73
CA PRO A 204 0.44 -19.32 9.44
C PRO A 204 0.65 -19.56 7.96
N GLU A 205 -0.44 -19.63 7.21
CA GLU A 205 -0.29 -19.87 5.78
C GLU A 205 0.44 -18.73 5.14
N LEU A 206 0.38 -17.57 5.79
CA LEU A 206 1.07 -16.38 5.28
C LEU A 206 2.46 -16.15 5.94
N GLY A 207 3.00 -17.13 6.62
CA GLY A 207 4.27 -17.01 7.28
C GLY A 207 5.39 -16.82 6.28
N CYS A 208 5.08 -17.08 5.03
CA CYS A 208 6.05 -17.04 3.94
C CYS A 208 6.02 -15.71 3.19
N VAL A 209 5.12 -14.80 3.60
CA VAL A 209 5.11 -13.42 3.09
C VAL A 209 6.19 -12.61 3.76
N LEU A 210 7.14 -12.15 2.96
CA LEU A 210 8.32 -11.50 3.50
C LEU A 210 8.14 -10.04 3.98
N GLN A 211 7.27 -9.27 3.31
CA GLN A 211 7.04 -7.89 3.72
C GLN A 211 5.54 -7.63 3.67
N PRO A 212 4.81 -8.14 4.65
CA PRO A 212 3.36 -7.96 4.61
C PRO A 212 2.91 -6.51 4.67
N LEU A 213 3.76 -5.60 5.14
CA LEU A 213 3.38 -4.21 5.30
C LEU A 213 3.93 -3.36 4.21
N SER A 214 4.50 -3.97 3.19
CA SER A 214 5.13 -3.15 2.19
C SER A 214 4.17 -2.19 1.57
N GLY A 215 4.56 -0.95 1.44
CA GLY A 215 3.70 0.06 0.87
C GLY A 215 3.73 -0.02 -0.63
N GLU A 216 4.64 -0.81 -1.18
CA GLU A 216 4.73 -0.94 -2.63
C GLU A 216 4.10 -2.25 -3.06
N TYR A 217 2.94 -2.15 -3.72
CA TYR A 217 2.26 -3.36 -4.15
C TYR A 217 1.22 -3.07 -5.24
N ALA A 218 0.81 -4.12 -5.97
CA ALA A 218 -0.18 -3.95 -7.06
C ALA A 218 -1.27 -4.98 -6.99
N ALA A 219 -2.41 -4.61 -7.58
CA ALA A 219 -3.54 -5.50 -7.57
C ALA A 219 -4.59 -5.10 -8.61
N SER A 220 -5.44 -6.04 -9.01
CA SER A 220 -6.53 -5.75 -9.94
C SER A 220 -7.60 -4.86 -9.31
N ARG A 221 -8.23 -4.02 -10.14
CA ARG A 221 -9.33 -3.19 -9.65
C ARG A 221 -10.47 -4.07 -9.16
N GLU A 222 -10.65 -5.19 -9.83
CA GLU A 222 -11.71 -6.13 -9.49
C GLU A 222 -11.56 -6.58 -8.06
N LEU A 223 -10.33 -6.88 -7.65
CA LEU A 223 -10.12 -7.29 -6.26
C LEU A 223 -10.29 -6.16 -5.26
N LEU A 224 -9.67 -5.02 -5.57
CA LEU A 224 -9.60 -3.92 -4.64
C LEU A 224 -10.98 -3.34 -4.39
N THR A 225 -11.81 -3.29 -5.43
CA THR A 225 -13.13 -2.73 -5.26
C THR A 225 -14.07 -3.75 -4.57
N SER A 226 -13.59 -4.96 -4.35
CA SER A 226 -14.36 -5.99 -3.71
C SER A 226 -14.04 -6.10 -2.26
N LEU A 227 -12.95 -5.47 -1.87
CA LEU A 227 -12.54 -5.58 -0.49
C LEU A 227 -12.82 -4.34 0.30
N PRO A 228 -13.09 -4.53 1.58
CA PRO A 228 -13.15 -3.37 2.48
C PRO A 228 -11.70 -2.83 2.76
N PHE A 229 -11.59 -1.56 3.17
CA PHE A 229 -10.29 -0.95 3.45
C PHE A 229 -10.16 -0.58 4.90
N ALA A 230 -9.25 -1.24 5.61
CA ALA A 230 -9.01 -0.96 7.03
C ALA A 230 -8.46 0.47 7.20
N PRO A 231 -8.75 1.06 8.36
CA PRO A 231 -8.35 2.45 8.57
C PRO A 231 -6.88 2.66 8.98
N GLY A 232 -6.38 3.87 8.69
CA GLY A 232 -5.03 4.23 9.08
C GLY A 232 -4.03 3.28 8.47
N TYR A 233 -3.07 2.84 9.29
CA TYR A 233 -2.02 1.93 8.84
C TYR A 233 -2.49 0.43 8.85
N GLY A 234 -3.78 0.17 9.10
CA GLY A 234 -4.24 -1.20 9.10
C GLY A 234 -4.44 -1.68 7.68
N VAL A 235 -4.43 -0.80 6.69
CA VAL A 235 -4.86 -1.22 5.39
C VAL A 235 -4.06 -2.35 4.77
N GLU A 236 -2.74 -2.37 4.77
CA GLU A 236 -2.02 -3.42 4.07
C GLU A 236 -2.31 -4.76 4.63
N ILE A 237 -2.19 -4.86 5.93
CA ILE A 237 -2.35 -6.14 6.55
C ILE A 237 -3.83 -6.58 6.32
N GLY A 238 -4.73 -5.59 6.15
CA GLY A 238 -6.12 -5.89 5.91
C GLY A 238 -6.31 -6.48 4.54
N LEU A 239 -5.59 -5.96 3.56
CA LEU A 239 -5.77 -6.47 2.22
C LEU A 239 -5.18 -7.83 2.04
N LEU A 240 -4.06 -8.06 2.71
CA LEU A 240 -3.40 -9.35 2.61
C LEU A 240 -4.27 -10.48 3.15
N ILE A 241 -4.77 -10.31 4.37
CA ILE A 241 -5.54 -11.33 5.02
C ILE A 241 -6.89 -11.52 4.27
N ASP A 242 -7.50 -10.44 3.85
CA ASP A 242 -8.73 -10.57 3.13
C ASP A 242 -8.59 -11.24 1.77
N THR A 243 -7.55 -10.91 1.03
CA THR A 243 -7.36 -11.55 -0.27
C THR A 243 -7.15 -13.02 -0.15
N PHE A 244 -6.27 -13.35 0.77
CA PHE A 244 -5.97 -14.72 0.98
C PHE A 244 -7.22 -15.47 1.42
N ASP A 245 -7.95 -14.94 2.38
CA ASP A 245 -9.16 -15.59 2.90
C ASP A 245 -10.20 -15.78 1.81
N ARG A 246 -10.20 -14.87 0.86
CA ARG A 246 -11.20 -14.91 -0.17
C ARG A 246 -10.66 -15.77 -1.33
N LEU A 247 -9.33 -15.75 -1.57
CA LEU A 247 -8.76 -16.35 -2.79
C LEU A 247 -7.62 -17.38 -2.67
N GLY A 248 -7.08 -17.55 -1.46
CA GLY A 248 -5.96 -18.43 -1.20
C GLY A 248 -4.61 -17.89 -1.74
N LEU A 249 -3.53 -18.61 -1.45
CA LEU A 249 -2.20 -18.16 -1.78
C LEU A 249 -1.96 -18.04 -3.27
N ASP A 250 -2.63 -18.85 -4.06
CA ASP A 250 -2.35 -18.84 -5.48
C ASP A 250 -2.60 -17.51 -6.15
N ALA A 251 -3.43 -16.67 -5.52
CA ALA A 251 -3.78 -15.37 -6.08
C ALA A 251 -2.80 -14.31 -5.63
N ILE A 252 -1.85 -14.71 -4.79
CA ILE A 252 -0.88 -13.77 -4.23
C ILE A 252 0.56 -14.06 -4.68
N ALA A 253 1.25 -13.03 -5.10
CA ALA A 253 2.67 -13.16 -5.47
C ALA A 253 3.53 -12.14 -4.71
N GLN A 254 4.84 -12.38 -4.64
CA GLN A 254 5.71 -11.35 -4.09
C GLN A 254 6.98 -11.27 -4.86
N VAL A 255 7.48 -10.05 -4.99
CA VAL A 255 8.62 -9.77 -5.85
C VAL A 255 9.70 -8.98 -5.13
N ASN A 256 10.96 -9.35 -5.36
CA ASN A 256 12.11 -8.66 -4.81
C ASN A 256 12.38 -7.37 -5.54
N LEU A 257 12.44 -6.26 -4.80
CA LEU A 257 12.74 -4.96 -5.40
C LEU A 257 14.12 -4.49 -4.95
N GLY A 258 14.83 -5.34 -4.23
CA GLY A 258 16.16 -4.97 -3.81
C GLY A 258 16.19 -4.38 -2.42
N VAL A 259 16.61 -3.12 -2.35
CA VAL A 259 16.67 -2.50 -1.06
C VAL A 259 15.70 -1.32 -0.99
N ARG A 260 15.09 -1.16 0.19
CA ARG A 260 14.08 -0.13 0.41
C ARG A 260 14.62 0.77 1.49
N ALA A 261 14.51 2.07 1.24
CA ALA A 261 14.90 3.05 2.22
C ALA A 261 13.82 4.06 2.33
N HIS A 262 13.46 4.41 3.56
CA HIS A 262 12.39 5.38 3.74
C HIS A 262 12.56 6.11 5.08
N ARG A 263 11.56 6.92 5.42
CA ARG A 263 11.59 7.75 6.62
CA ARG A 263 11.57 7.74 6.63
C ARG A 263 11.62 6.91 7.89
N ASN A 264 12.57 7.20 8.76
CA ASN A 264 12.62 6.54 10.03
C ASN A 264 11.83 7.38 10.97
N ARG A 265 10.80 6.76 11.53
CA ARG A 265 9.83 7.44 12.36
C ARG A 265 10.13 7.18 13.84
N PRO A 266 9.77 8.12 14.72
CA PRO A 266 9.94 7.93 16.17
C PRO A 266 9.10 6.82 16.75
N LEU A 267 9.60 6.20 17.80
CA LEU A 267 8.97 5.04 18.37
C LEU A 267 7.50 5.23 18.79
N ASP A 268 7.06 6.41 19.22
CA ASP A 268 5.69 6.54 19.65
C ASP A 268 4.73 6.40 18.47
N GLU A 269 5.17 6.89 17.33
CA GLU A 269 4.35 6.80 16.14
C GLU A 269 4.25 5.37 15.62
N LEU A 270 5.37 4.65 15.79
CA LEU A 270 5.41 3.28 15.36
C LEU A 270 4.58 2.50 16.30
N GLY A 271 4.54 2.89 17.57
CA GLY A 271 3.69 2.21 18.52
C GLY A 271 2.23 2.36 18.13
N ALA A 272 1.84 3.55 17.75
CA ALA A 272 0.48 3.77 17.29
C ALA A 272 0.14 2.96 16.04
N MET A 273 1.09 2.95 15.13
CA MET A 273 0.90 2.19 13.91
C MET A 273 0.74 0.69 14.22
N SER A 274 1.62 0.21 15.08
CA SER A 274 1.60 -1.15 15.46
C SER A 274 0.22 -1.46 16.10
N ARG A 275 -0.31 -0.53 16.90
CA ARG A 275 -1.62 -0.73 17.53
C ARG A 275 -2.74 -0.91 16.50
N GLN A 276 -2.72 -0.10 15.46
CA GLN A 276 -3.74 -0.24 14.43
C GLN A 276 -3.57 -1.51 13.60
N VAL A 277 -2.31 -1.89 13.35
CA VAL A 277 -2.05 -3.13 12.63
C VAL A 277 -2.63 -4.28 13.43
N ILE A 278 -2.51 -4.20 14.73
CA ILE A 278 -3.03 -5.22 15.58
C ILE A 278 -4.58 -5.16 15.56
N ALA A 279 -5.18 -3.98 15.64
CA ALA A 279 -6.62 -3.92 15.62
C ALA A 279 -7.17 -4.54 14.33
N THR A 280 -6.54 -4.23 13.21
CA THR A 280 -7.04 -4.77 11.95
C THR A 280 -6.80 -6.28 11.84
N LEU A 281 -5.60 -6.73 12.23
CA LEU A 281 -5.33 -8.15 12.13
C LEU A 281 -6.28 -8.93 13.03
N LEU A 282 -6.47 -8.46 14.27
CA LEU A 282 -7.36 -9.14 15.20
C LEU A 282 -8.80 -9.19 14.59
N SER A 283 -9.25 -8.07 14.00
CA SER A 283 -10.59 -8.04 13.43
C SER A 283 -10.76 -9.04 12.30
N ARG A 284 -9.75 -9.17 11.45
CA ARG A 284 -9.85 -10.13 10.35
C ARG A 284 -9.83 -11.58 10.84
N CYS A 285 -9.34 -11.83 12.05
CA CYS A 285 -9.27 -13.19 12.55
C CYS A 285 -10.46 -13.55 13.46
N GLY A 286 -11.44 -12.65 13.52
CA GLY A 286 -12.63 -12.92 14.26
C GLY A 286 -12.40 -12.69 15.73
N ILE A 287 -11.37 -11.92 16.08
CA ILE A 287 -11.07 -11.70 17.49
C ILE A 287 -11.54 -10.27 17.86
N PRO A 288 -12.37 -10.16 18.94
CA PRO A 288 -12.81 -8.82 19.35
C PRO A 288 -11.68 -7.92 19.86
N ASP A 289 -11.55 -6.73 19.31
CA ASP A 289 -10.55 -5.78 19.79
C ASP A 289 -11.25 -4.79 20.67
N SER A 290 -10.60 -4.41 21.75
CA SER A 290 -11.21 -3.52 22.74
C SER A 290 -11.60 -2.16 22.15
N GLY A 291 -10.85 -1.67 21.15
CA GLY A 291 -11.07 -0.34 20.59
C GLY A 291 -10.38 0.77 21.37
N VAL A 292 -9.68 0.41 22.44
CA VAL A 292 -8.95 1.36 23.26
C VAL A 292 -7.59 1.71 22.62
N GLY A 293 -7.33 2.99 22.43
CA GLY A 293 -6.09 3.41 21.82
C GLY A 293 -4.94 3.20 22.78
N LEU A 294 -3.77 3.00 22.21
CA LEU A 294 -2.54 2.87 22.98
C LEU A 294 -2.21 4.18 23.72
N THR A 295 -1.83 4.08 24.97
CA THR A 295 -1.40 5.24 25.71
C THR A 295 0.08 5.22 26.03
N GLN A 296 0.73 6.38 25.97
CA GLN A 296 2.16 6.44 26.28
C GLN A 296 2.44 7.50 27.32
N PHE A 297 3.44 7.25 28.16
CA PHE A 297 3.83 8.15 29.27
C PHE A 297 5.27 8.66 29.10
N LEU A 298 5.53 9.89 29.52
CA LEU A 298 6.87 10.45 29.37
C LEU A 298 7.09 11.69 30.24
N PRO A 299 7.30 11.48 31.57
CA PRO A 299 7.46 12.63 32.49
C PRO A 299 8.69 13.49 32.17
N ASP A 306 3.03 15.66 37.33
CA ASP A 306 3.84 14.47 37.63
C ASP A 306 4.10 13.67 36.36
N TYR A 307 3.19 13.75 35.39
CA TYR A 307 3.39 13.02 34.16
C TYR A 307 2.52 13.52 33.02
N THR A 308 2.82 13.01 31.83
CA THR A 308 2.22 13.48 30.59
C THR A 308 1.58 12.35 29.76
N ARG A 309 0.29 12.15 29.93
CA ARG A 309 -0.39 11.00 29.37
C ARG A 309 -0.95 11.35 27.98
N HIS A 310 -0.60 10.55 26.97
CA HIS A 310 -1.21 10.74 25.65
C HIS A 310 -1.72 9.40 25.11
N THR A 311 -2.89 9.48 24.49
CA THR A 311 -3.61 8.38 23.87
C THR A 311 -3.69 8.59 22.38
N TRP A 312 -3.28 7.58 21.62
CA TRP A 312 -3.30 7.67 20.16
C TRP A 312 -4.57 7.12 19.62
N PRO A 313 -5.03 7.67 18.51
CA PRO A 313 -6.26 7.09 17.97
C PRO A 313 -6.14 5.73 17.38
N VAL A 314 -7.15 4.92 17.59
CA VAL A 314 -7.29 3.69 16.86
C VAL A 314 -8.77 3.53 16.41
N SER A 315 -8.96 2.91 15.25
CA SER A 315 -10.26 2.76 14.62
C SER A 315 -10.57 1.30 14.29
N LEU A 316 -11.80 0.86 14.59
CA LEU A 316 -12.20 -0.52 14.25
C LEU A 316 -13.17 -0.52 13.11
N VAL A 317 -13.23 0.57 12.40
CA VAL A 317 -14.18 0.77 11.32
C VAL A 317 -13.55 0.75 9.95
N ASP A 318 -13.91 -0.27 9.18
CA ASP A 318 -13.43 -0.39 7.81
C ASP A 318 -14.35 0.39 6.91
N ARG A 319 -13.79 0.88 5.82
CA ARG A 319 -14.55 1.40 4.69
C ARG A 319 -15.04 0.21 3.90
N PRO A 320 -16.28 0.27 3.36
CA PRO A 320 -16.80 -0.84 2.56
C PRO A 320 -16.12 -0.90 1.19
N PRO A 321 -16.31 -2.03 0.48
CA PRO A 321 -15.85 -2.16 -0.89
C PRO A 321 -16.24 -1.00 -1.78
N MET A 322 -15.34 -0.47 -2.58
CA MET A 322 -15.69 0.69 -3.39
C MET A 322 -16.83 0.36 -4.39
N LYS A 323 -17.06 -0.92 -4.65
CA LYS A 323 -18.19 -1.37 -5.48
C LYS A 323 -19.53 -0.78 -5.02
N VAL A 324 -19.76 -0.75 -3.71
CA VAL A 324 -21.05 -0.33 -3.19
C VAL A 324 -21.23 1.18 -3.43
N MET A 325 -20.19 1.90 -3.90
CA MET A 325 -20.37 3.34 -4.11
C MET A 325 -20.59 3.68 -5.59
N ARG A 326 -20.97 2.67 -6.39
CA ARG A 326 -21.17 2.87 -7.83
C ARG A 326 -22.32 3.84 -8.07
#